data_8VCG
#
_entry.id   8VCG
#
_cell.length_a   67.674
_cell.length_b   67.674
_cell.length_c   46.759
_cell.angle_alpha   90.00
_cell.angle_beta   90.00
_cell.angle_gamma   120.00
#
_symmetry.space_group_name_H-M   'P 61'
#
loop_
_entity.id
_entity.type
_entity.pdbx_description
1 polymer 'Isoform 3 of Proto-oncogene tyrosine-protein kinase Src'
2 non-polymer O-PHOSPHOTYROSINE
3 water water
#
_entity_poly.entity_id   1
_entity_poly.type   'polypeptide(L)'
_entity_poly.pdbx_seq_one_letter_code
;MGSSHHHHHHGLVPRGSHMDSIQAEEWYFGKITRRESERLLLNAENPRGTFLVRESETVKGAYALSVSDFDNAKGLNVKH
YLIRKLDSGGFYITSRTQFNSLQQLVAYYSKHADGLSHRLTTVSPT
;
_entity_poly.pdbx_strand_id   A
#
# COMPACT_ATOMS: atom_id res chain seq x y z
N MET A 19 2.62 12.44 16.16
CA MET A 19 2.87 11.74 14.87
C MET A 19 2.40 12.60 13.69
N ASP A 20 3.17 12.61 12.60
CA ASP A 20 2.80 13.27 11.32
C ASP A 20 1.37 12.80 10.98
N SER A 21 0.52 13.70 10.48
CA SER A 21 -0.74 13.31 9.81
C SER A 21 -0.35 12.47 8.59
N ILE A 22 -1.21 11.57 8.17
CA ILE A 22 -0.96 10.71 6.98
C ILE A 22 -0.87 11.59 5.74
N GLN A 23 -1.55 12.74 5.74
CA GLN A 23 -1.56 13.61 4.55
C GLN A 23 -0.18 14.24 4.33
N ALA A 24 0.69 14.26 5.34
CA ALA A 24 2.06 14.79 5.22
C ALA A 24 3.04 13.75 4.64
N GLU A 25 2.64 12.49 4.53
CA GLU A 25 3.49 11.38 4.07
C GLU A 25 3.56 11.34 2.53
N GLU A 26 4.78 11.18 1.96
CA GLU A 26 4.95 11.28 0.49
C GLU A 26 4.28 10.12 -0.20
N TRP A 27 3.96 9.05 0.53
CA TRP A 27 3.37 7.83 -0.06
C TRP A 27 1.84 7.85 0.10
N TYR A 28 1.26 8.84 0.76
CA TYR A 28 -0.21 8.84 0.97
C TYR A 28 -0.89 9.66 -0.12
N PHE A 29 -1.78 9.03 -0.88
CA PHE A 29 -2.48 9.69 -2.01
C PHE A 29 -4.00 9.77 -1.84
N GLY A 30 -4.51 9.52 -0.66
CA GLY A 30 -5.91 9.86 -0.31
C GLY A 30 -6.91 9.16 -1.23
N LYS A 31 -7.75 9.94 -1.89
CA LYS A 31 -8.93 9.47 -2.65
C LYS A 31 -8.58 9.13 -4.10
N ILE A 32 -7.29 8.98 -4.44
CA ILE A 32 -6.89 8.43 -5.75
C ILE A 32 -7.64 7.10 -5.92
N THR A 33 -8.18 6.87 -7.10
CA THR A 33 -8.91 5.63 -7.38
C THR A 33 -7.94 4.45 -7.56
N ARG A 34 -8.51 3.25 -7.51
CA ARG A 34 -7.69 2.04 -7.79
C ARG A 34 -7.16 2.12 -9.22
N ARG A 35 -8.02 2.51 -10.15
CA ARG A 35 -7.62 2.60 -11.58
C ARG A 35 -6.50 3.63 -11.76
N GLU A 36 -6.61 4.78 -11.10
CA GLU A 36 -5.59 5.84 -11.23
C GLU A 36 -4.27 5.34 -10.60
N SER A 37 -4.37 4.64 -9.48
CA SER A 37 -3.16 4.08 -8.82
CA SER A 37 -3.18 4.05 -8.82
C SER A 37 -2.49 3.07 -9.75
N GLU A 38 -3.26 2.24 -10.45
CA GLU A 38 -2.64 1.27 -11.38
C GLU A 38 -1.93 1.99 -12.52
N ARG A 39 -2.55 3.03 -13.08
CA ARG A 39 -1.98 3.79 -14.24
C ARG A 39 -0.58 4.25 -13.81
N LEU A 40 -0.47 4.80 -12.61
CA LEU A 40 0.79 5.38 -12.05
C LEU A 40 1.80 4.27 -11.80
N LEU A 41 1.39 3.25 -11.08
CA LEU A 41 2.36 2.24 -10.58
C LEU A 41 2.83 1.28 -11.68
N LEU A 42 2.09 1.16 -12.80
CA LEU A 42 2.45 0.26 -13.95
C LEU A 42 3.60 0.85 -14.80
N ASN A 43 4.14 2.00 -14.44
CA ASN A 43 5.31 2.62 -15.14
C ASN A 43 6.49 1.63 -15.16
N ALA A 44 6.97 1.23 -16.35
CA ALA A 44 8.05 0.21 -16.44
C ALA A 44 9.34 0.73 -15.77
N GLU A 45 9.49 2.03 -15.52
CA GLU A 45 10.70 2.56 -14.84
C GLU A 45 10.68 2.24 -13.35
N ASN A 46 9.51 1.96 -12.76
CA ASN A 46 9.38 1.83 -11.30
C ASN A 46 10.02 0.51 -10.87
N PRO A 47 10.88 0.54 -9.85
CA PRO A 47 11.30 -0.71 -9.22
C PRO A 47 10.11 -1.54 -8.76
N ARG A 48 10.24 -2.85 -8.77
CA ARG A 48 9.26 -3.74 -8.11
C ARG A 48 9.11 -3.28 -6.65
N GLY A 49 7.88 -3.17 -6.14
CA GLY A 49 7.68 -2.67 -4.76
C GLY A 49 7.48 -1.18 -4.70
N THR A 50 7.21 -0.54 -5.84
CA THR A 50 6.85 0.89 -5.84
C THR A 50 5.43 0.97 -5.28
N PHE A 51 5.15 1.91 -4.39
CA PHE A 51 3.87 1.81 -3.68
C PHE A 51 3.27 3.16 -3.34
N LEU A 52 1.98 3.10 -3.00
CA LEU A 52 1.27 4.21 -2.36
C LEU A 52 0.19 3.64 -1.47
N VAL A 53 -0.27 4.46 -0.55
CA VAL A 53 -1.44 4.16 0.30
C VAL A 53 -2.53 5.16 -0.07
N ARG A 54 -3.75 4.66 -0.13
CA ARG A 54 -4.96 5.39 -0.54
C ARG A 54 -6.14 4.94 0.31
N GLU A 55 -7.22 5.70 0.26
CA GLU A 55 -8.51 5.23 0.77
C GLU A 55 -8.97 4.03 -0.07
N SER A 56 -9.60 3.05 0.57
CA SER A 56 -10.36 2.02 -0.17
C SER A 56 -11.62 2.64 -0.80
N GLU A 57 -11.86 2.32 -2.07
CA GLU A 57 -13.08 2.77 -2.75
C GLU A 57 -14.25 1.85 -2.37
N THR A 58 -13.99 0.60 -2.03
CA THR A 58 -15.06 -0.43 -1.85
C THR A 58 -15.38 -0.64 -0.37
N VAL A 59 -14.45 -0.39 0.54
CA VAL A 59 -14.69 -0.59 2.00
C VAL A 59 -14.51 0.74 2.74
N LYS A 60 -15.64 1.41 3.08
CA LYS A 60 -15.64 2.79 3.63
C LYS A 60 -14.81 2.76 4.92
N GLY A 61 -13.84 3.67 5.03
CA GLY A 61 -13.02 3.82 6.26
C GLY A 61 -11.77 2.97 6.24
N ALA A 62 -11.68 2.00 5.34
CA ALA A 62 -10.45 1.21 5.13
C ALA A 62 -9.50 1.93 4.18
N TYR A 63 -8.28 1.43 4.17
CA TYR A 63 -7.24 1.94 3.25
C TYR A 63 -6.79 0.81 2.32
N ALA A 64 -6.02 1.15 1.32
CA ALA A 64 -5.44 0.18 0.39
C ALA A 64 -3.95 0.51 0.23
N LEU A 65 -3.15 -0.52 0.22
CA LEU A 65 -1.72 -0.46 -0.16
C LEU A 65 -1.63 -1.01 -1.57
N SER A 66 -1.22 -0.16 -2.49
CA SER A 66 -1.11 -0.49 -3.93
C SER A 66 0.38 -0.54 -4.27
N VAL A 67 0.80 -1.64 -4.87
CA VAL A 67 2.25 -1.95 -4.97
C VAL A 67 2.54 -2.49 -6.38
N SER A 68 3.51 -1.92 -7.07
CA SER A 68 3.98 -2.45 -8.37
C SER A 68 4.62 -3.84 -8.16
N ASP A 69 4.36 -4.74 -9.11
CA ASP A 69 4.78 -6.15 -8.98
C ASP A 69 5.18 -6.70 -10.33
N PHE A 70 5.93 -7.79 -10.36
CA PHE A 70 6.26 -8.57 -11.60
C PHE A 70 5.92 -10.02 -11.31
N ASP A 71 4.87 -10.51 -11.98
CA ASP A 71 4.31 -11.85 -11.71
C ASP A 71 4.80 -12.83 -12.78
N ASN A 72 5.07 -14.08 -12.39
CA ASN A 72 5.58 -15.13 -13.33
C ASN A 72 4.62 -15.31 -14.53
N ALA A 73 3.32 -15.14 -14.32
CA ALA A 73 2.28 -15.38 -15.34
C ALA A 73 1.82 -14.04 -15.93
N LYS A 74 1.54 -13.04 -15.10
CA LYS A 74 0.88 -11.80 -15.60
C LYS A 74 1.84 -10.67 -15.96
N GLY A 75 3.12 -10.85 -15.65
CA GLY A 75 4.08 -9.79 -15.94
C GLY A 75 3.87 -8.59 -15.02
N LEU A 76 4.02 -7.38 -15.55
CA LEU A 76 3.91 -6.16 -14.75
C LEU A 76 2.47 -6.05 -14.29
N ASN A 77 2.26 -5.85 -13.00
CA ASN A 77 0.88 -5.81 -12.50
C ASN A 77 0.95 -4.98 -11.23
N VAL A 78 -0.22 -4.57 -10.76
CA VAL A 78 -0.30 -3.85 -9.46
C VAL A 78 -1.09 -4.75 -8.51
N LYS A 79 -0.49 -4.97 -7.32
CA LYS A 79 -1.12 -5.67 -6.19
C LYS A 79 -1.83 -4.59 -5.33
N HIS A 80 -3.01 -4.93 -4.83
CA HIS A 80 -3.80 -4.09 -3.90
C HIS A 80 -4.04 -4.92 -2.63
N TYR A 81 -3.61 -4.38 -1.49
CA TYR A 81 -3.84 -5.03 -0.18
C TYR A 81 -4.77 -4.15 0.64
N LEU A 82 -5.83 -4.75 1.19
CA LEU A 82 -6.78 -4.03 2.02
C LEU A 82 -6.25 -3.88 3.44
N ILE A 83 -6.20 -2.62 3.86
CA ILE A 83 -5.82 -2.24 5.23
C ILE A 83 -7.08 -1.92 6.03
N ARG A 84 -7.44 -2.80 6.94
CA ARG A 84 -8.59 -2.57 7.83
C ARG A 84 -8.19 -1.67 9.00
N LYS A 85 -9.15 -0.86 9.47
CA LYS A 85 -8.97 0.08 10.61
C LYS A 85 -9.89 -0.42 11.71
N LEU A 86 -9.32 -0.66 12.88
CA LEU A 86 -10.11 -1.02 14.09
C LEU A 86 -10.66 0.26 14.71
N ASP A 87 -11.96 0.33 15.04
CA ASP A 87 -12.55 1.52 15.71
C ASP A 87 -11.82 1.74 17.05
N SER A 88 -11.35 0.64 17.67
CA SER A 88 -10.59 0.61 18.95
C SER A 88 -9.16 1.15 18.76
N GLY A 89 -8.73 1.39 17.51
CA GLY A 89 -7.39 1.92 17.23
C GLY A 89 -6.57 0.86 16.54
N GLY A 90 -5.95 1.25 15.43
CA GLY A 90 -4.94 0.38 14.80
C GLY A 90 -5.38 -0.07 13.43
N PHE A 91 -4.45 -0.68 12.74
CA PHE A 91 -4.56 -1.05 11.32
C PHE A 91 -3.96 -2.44 11.10
N TYR A 92 -4.49 -3.15 10.10
CA TYR A 92 -3.91 -4.44 9.70
C TYR A 92 -4.28 -4.81 8.27
N ILE A 93 -3.40 -5.60 7.65
CA ILE A 93 -3.67 -6.44 6.43
C ILE A 93 -3.98 -7.91 6.86
N THR A 94 -3.24 -8.51 7.84
CA THR A 94 -3.48 -9.85 8.47
CA THR A 94 -3.52 -9.87 8.47
C THR A 94 -3.81 -9.62 9.96
N SER A 95 -4.91 -10.16 10.50
CA SER A 95 -5.38 -9.71 11.85
C SER A 95 -4.33 -9.99 13.01
N ARG A 96 -3.41 -10.91 12.75
CA ARG A 96 -2.35 -11.38 13.69
C ARG A 96 -1.22 -10.35 13.78
N THR A 97 -1.20 -9.44 12.84
CA THR A 97 -0.10 -8.42 12.69
C THR A 97 -0.66 -6.99 12.56
N GLN A 98 -0.79 -6.33 13.72
CA GLN A 98 -1.50 -5.03 13.85
C GLN A 98 -0.49 -3.93 14.12
N PHE A 99 -0.84 -2.73 13.65
CA PHE A 99 0.00 -1.53 13.70
C PHE A 99 -0.79 -0.38 14.34
N ASN A 100 -0.15 0.51 15.07
CA ASN A 100 -0.86 1.65 15.70
C ASN A 100 -1.05 2.78 14.68
N SER A 101 -0.41 2.70 13.51
CA SER A 101 -0.45 3.78 12.50
C SER A 101 -0.17 3.22 11.11
N LEU A 102 -0.62 3.92 10.07
CA LEU A 102 -0.23 3.57 8.69
C LEU A 102 1.28 3.73 8.50
N GLN A 103 1.89 4.70 9.16
CA GLN A 103 3.36 4.88 9.07
C GLN A 103 4.08 3.62 9.56
N GLN A 104 3.62 3.02 10.68
CA GLN A 104 4.23 1.79 11.27
C GLN A 104 4.05 0.64 10.27
N LEU A 105 2.87 0.57 9.64
CA LEU A 105 2.55 -0.52 8.68
C LEU A 105 3.52 -0.42 7.49
N VAL A 106 3.68 0.77 6.94
CA VAL A 106 4.55 1.00 5.76
C VAL A 106 5.99 0.62 6.16
N ALA A 107 6.47 1.04 7.34
CA ALA A 107 7.84 0.74 7.76
C ALA A 107 8.03 -0.78 7.81
N TYR A 108 7.07 -1.49 8.39
CA TYR A 108 7.15 -2.95 8.58
C TYR A 108 7.24 -3.67 7.24
N TYR A 109 6.35 -3.32 6.30
CA TYR A 109 6.32 -4.02 4.98
C TYR A 109 7.45 -3.53 4.07
N SER A 110 8.12 -2.44 4.41
CA SER A 110 9.35 -1.99 3.71
CA SER A 110 9.35 -1.99 3.71
C SER A 110 10.53 -2.92 4.03
N LYS A 111 10.53 -3.53 5.22
CA LYS A 111 11.65 -4.38 5.66
C LYS A 111 11.54 -5.77 5.02
N HIS A 112 10.36 -6.37 5.07
CA HIS A 112 10.11 -7.74 4.58
C HIS A 112 8.70 -7.80 3.97
N ALA A 113 8.49 -8.68 2.99
CA ALA A 113 7.18 -8.99 2.39
C ALA A 113 6.24 -9.50 3.49
N ASP A 114 6.70 -10.42 4.34
CA ASP A 114 5.85 -11.13 5.34
C ASP A 114 4.42 -11.35 4.82
N GLY A 115 4.27 -12.00 3.66
CA GLY A 115 2.93 -12.36 3.16
C GLY A 115 2.45 -11.54 1.98
N LEU A 116 2.99 -10.32 1.78
CA LEU A 116 2.79 -9.61 0.49
C LEU A 116 3.59 -10.34 -0.59
N SER A 117 3.35 -10.01 -1.86
CA SER A 117 4.12 -10.52 -3.02
C SER A 117 5.59 -10.13 -2.87
N HIS A 118 5.82 -8.89 -2.42
CA HIS A 118 7.16 -8.29 -2.37
C HIS A 118 7.13 -7.18 -1.35
N ARG A 119 8.25 -6.93 -0.72
CA ARG A 119 8.38 -5.80 0.21
C ARG A 119 8.22 -4.48 -0.54
N LEU A 120 7.90 -3.45 0.24
CA LEU A 120 7.82 -2.06 -0.29
C LEU A 120 9.24 -1.55 -0.47
N THR A 121 9.55 -0.98 -1.63
CA THR A 121 10.91 -0.49 -1.93
C THR A 121 10.93 1.02 -2.17
N THR A 122 9.92 1.55 -2.84
CA THR A 122 10.01 2.86 -3.55
C THR A 122 8.67 3.60 -3.40
N VAL A 123 8.70 4.85 -2.94
CA VAL A 123 7.49 5.66 -2.89
C VAL A 123 7.14 6.02 -4.34
N SER A 124 5.88 5.84 -4.69
CA SER A 124 5.37 6.22 -6.02
C SER A 124 5.83 7.65 -6.29
N PRO A 125 6.55 7.92 -7.41
CA PRO A 125 6.92 9.29 -7.71
C PRO A 125 5.68 10.04 -8.25
N THR A 126 5.65 11.36 -8.04
CA THR A 126 4.55 12.22 -8.60
C THR A 126 5.12 13.61 -8.94
N PTR B . -7.43 -9.13 -2.80
CA PTR B . -8.17 -7.83 -2.96
C PTR B . -7.72 -7.17 -4.26
O PTR B . -8.46 -6.27 -4.70
OXT PTR B . -6.68 -7.63 -4.88
CB PTR B . -8.09 -6.95 -1.69
CG PTR B . -8.59 -5.54 -1.77
CD1 PTR B . -9.96 -5.22 -1.69
CD2 PTR B . -7.70 -4.48 -1.89
CE1 PTR B . -10.40 -3.91 -1.77
CE2 PTR B . -8.13 -3.16 -1.96
CZ PTR B . -9.48 -2.88 -1.88
OH PTR B . -9.90 -1.52 -2.00
P PTR B . -10.20 -0.88 -3.45
O1P PTR B . -10.20 0.60 -3.30
O2P PTR B . -9.11 -1.34 -4.37
O3P PTR B . -11.53 -1.40 -3.94
#